data_8GDX
#
_entry.id   8GDX
#
_cell.length_a   81.439
_cell.length_b   81.439
_cell.length_c   81.439
_cell.angle_alpha   90.000
_cell.angle_beta   90.000
_cell.angle_gamma   90.000
#
_symmetry.space_group_name_H-M   'P 21 3'
#
loop_
_entity.id
_entity.type
_entity.pdbx_description
1 polymer 'Protein Jade-1'
2 non-polymer 'ZINC ION'
3 non-polymer GLYCEROL
4 water water
#
_entity_poly.entity_id   1
_entity_poly.type   'polypeptide(L)'
_entity_poly.pdbx_seq_one_letter_code
;GDEDVVCDVCQSPDGEDGNEMVFCDKCNICVHQACYGILKVPEGSWLCRTCALGVQPKCLLCPKKGGAMKPTRSGTKWVH
VSCALWIPEVSIGSPEKMEPITKVSHIPSSRWALVCSLCNEKFGASIQCSVKNCRTAFHVTCAFDRGLEMKTILAENDEV
KFKSYCPKHSSHRK
;
_entity_poly.pdbx_strand_id   A
#
loop_
_chem_comp.id
_chem_comp.type
_chem_comp.name
_chem_comp.formula
GOL non-polymer GLYCEROL 'C3 H8 O3'
ZN non-polymer 'ZINC ION' 'Zn 2'
#
# COMPACT_ATOMS: atom_id res chain seq x y z
N ASP A 4 15.28 -2.63 13.19
CA ASP A 4 14.58 -2.10 14.36
C ASP A 4 13.08 -1.96 14.09
N VAL A 5 12.69 -0.82 13.51
CA VAL A 5 11.30 -0.55 13.18
C VAL A 5 11.23 0.07 11.79
N VAL A 6 10.17 -0.27 11.06
CA VAL A 6 10.01 0.16 9.67
C VAL A 6 8.57 0.57 9.43
N CYS A 7 8.40 1.56 8.55
CA CYS A 7 7.06 1.98 8.15
C CYS A 7 6.42 0.90 7.29
N ASP A 8 5.18 0.54 7.64
CA ASP A 8 4.52 -0.56 6.95
C ASP A 8 4.18 -0.24 5.50
N VAL A 9 4.05 1.05 5.16
CA VAL A 9 3.63 1.43 3.82
C VAL A 9 4.83 1.46 2.87
N CYS A 10 5.82 2.29 3.18
CA CYS A 10 6.96 2.51 2.30
C CYS A 10 8.17 1.66 2.64
N GLN A 11 8.12 0.89 3.74
CA GLN A 11 9.23 0.03 4.13
C GLN A 11 10.50 0.84 4.36
N SER A 12 10.36 1.99 5.04
CA SER A 12 11.49 2.81 5.40
C SER A 12 11.60 2.94 6.91
N PRO A 13 12.81 2.96 7.46
CA PRO A 13 12.98 3.06 8.91
C PRO A 13 13.26 4.47 9.45
N ASP A 14 13.34 5.48 8.58
CA ASP A 14 13.77 6.81 8.97
C ASP A 14 12.61 7.79 8.91
N GLY A 15 12.52 8.67 9.90
CA GLY A 15 11.52 9.71 9.93
C GLY A 15 12.04 11.02 9.38
N GLU A 16 11.18 12.03 9.44
CA GLU A 16 11.51 13.36 8.94
C GLU A 16 10.89 14.41 9.84
N ASP A 17 11.36 15.65 9.69
CA ASP A 17 10.68 16.77 10.32
C ASP A 17 9.31 16.95 9.69
N GLY A 18 8.27 16.95 10.51
CA GLY A 18 6.92 16.99 9.98
C GLY A 18 6.46 15.72 9.33
N ASN A 19 7.20 14.62 9.48
CA ASN A 19 6.85 13.32 8.93
C ASN A 19 7.48 12.25 9.83
N GLU A 20 6.94 12.13 11.04
CA GLU A 20 7.47 11.23 12.05
C GLU A 20 6.86 9.84 11.92
N MET A 21 7.50 8.88 12.58
CA MET A 21 7.01 7.51 12.64
C MET A 21 6.05 7.40 13.82
N VAL A 22 4.82 6.96 13.56
CA VAL A 22 3.78 6.85 14.57
C VAL A 22 3.38 5.38 14.71
N PHE A 23 3.11 4.96 15.93
CA PHE A 23 2.81 3.57 16.25
C PHE A 23 1.36 3.44 16.71
N CYS A 24 0.68 2.41 16.22
CA CYS A 24 -0.66 2.11 16.70
C CYS A 24 -0.58 1.47 18.08
N ASP A 25 -1.42 1.94 19.00
CA ASP A 25 -1.33 1.46 20.38
C ASP A 25 -1.76 0.00 20.51
N LYS A 26 -2.60 -0.49 19.59
CA LYS A 26 -3.15 -1.84 19.70
C LYS A 26 -2.36 -2.85 18.86
N CYS A 27 -2.36 -2.69 17.54
CA CYS A 27 -1.68 -3.64 16.65
C CYS A 27 -0.20 -3.34 16.50
N ASN A 28 0.31 -2.25 17.10
CA ASN A 28 1.73 -1.93 17.11
C ASN A 28 2.28 -1.65 15.72
N ILE A 29 1.42 -1.27 14.78
CA ILE A 29 1.89 -0.97 13.42
C ILE A 29 2.55 0.41 13.42
N CYS A 30 3.46 0.62 12.47
CA CYS A 30 4.25 1.84 12.38
C CYS A 30 4.07 2.45 11.00
N VAL A 31 3.81 3.75 10.96
CA VAL A 31 3.54 4.45 9.69
C VAL A 31 4.09 5.86 9.77
N HIS A 32 4.59 6.36 8.63
CA HIS A 32 4.90 7.77 8.52
C HIS A 32 3.62 8.59 8.53
N GLN A 33 3.73 9.85 8.95
CA GLN A 33 2.59 10.75 8.87
C GLN A 33 2.08 10.83 7.43
N ALA A 34 2.99 11.06 6.47
CA ALA A 34 2.59 11.21 5.08
C ALA A 34 2.11 9.91 4.47
N CYS A 35 2.49 8.76 5.03
CA CYS A 35 2.08 7.49 4.44
C CYS A 35 0.68 7.08 4.87
N TYR A 36 0.26 7.45 6.08
CA TYR A 36 -1.05 7.05 6.59
C TYR A 36 -2.02 8.22 6.73
N GLY A 37 -1.59 9.43 6.39
CA GLY A 37 -2.46 10.59 6.46
C GLY A 37 -2.56 11.26 7.81
N ILE A 38 -1.62 10.99 8.72
CA ILE A 38 -1.65 11.59 10.05
C ILE A 38 -1.23 13.06 9.89
N LEU A 39 -2.17 13.97 10.13
CA LEU A 39 -1.90 15.38 9.86
C LEU A 39 -1.00 15.99 10.93
N LYS A 40 -1.22 15.63 12.20
CA LYS A 40 -0.44 16.16 13.30
C LYS A 40 -0.03 15.01 14.22
N VAL A 41 1.23 15.06 14.68
CA VAL A 41 1.70 14.03 15.61
C VAL A 41 0.80 14.02 16.84
N PRO A 42 0.27 12.87 17.25
CA PRO A 42 -0.59 12.84 18.43
C PRO A 42 0.17 13.21 19.70
N GLU A 43 -0.56 13.74 20.67
CA GLU A 43 0.06 14.09 21.94
C GLU A 43 0.40 12.85 22.76
N GLY A 44 -0.35 11.77 22.60
CA GLY A 44 -0.09 10.53 23.31
C GLY A 44 -0.16 9.32 22.41
N SER A 45 -0.87 8.28 22.85
CA SER A 45 -1.01 7.08 22.04
C SER A 45 -1.89 7.36 20.82
N TRP A 46 -1.87 6.41 19.88
CA TRP A 46 -2.54 6.59 18.61
C TRP A 46 -3.06 5.25 18.11
N LEU A 47 -4.15 5.30 17.35
CA LEU A 47 -4.76 4.10 16.79
C LEU A 47 -4.90 4.25 15.28
N CYS A 48 -4.68 3.15 14.56
CA CYS A 48 -4.95 3.14 13.13
C CYS A 48 -6.45 3.06 12.88
N ARG A 49 -6.83 3.06 11.60
CA ARG A 49 -8.25 3.11 11.26
C ARG A 49 -8.96 1.81 11.61
N THR A 50 -8.37 0.68 11.25
CA THR A 50 -9.04 -0.60 11.46
C THR A 50 -9.14 -0.94 12.95
N CYS A 51 -8.09 -0.63 13.73
CA CYS A 51 -8.16 -0.87 15.16
C CYS A 51 -9.19 0.05 15.82
N ALA A 52 -9.28 1.30 15.36
CA ALA A 52 -10.30 2.20 15.88
C ALA A 52 -11.69 1.68 15.56
N LEU A 53 -11.89 1.18 14.35
CA LEU A 53 -13.19 0.62 13.97
C LEU A 53 -13.41 -0.76 14.57
N GLY A 54 -12.33 -1.49 14.86
CA GLY A 54 -12.46 -2.80 15.47
C GLY A 54 -12.79 -3.92 14.50
N VAL A 55 -12.31 -3.85 13.27
CA VAL A 55 -12.60 -4.85 12.25
C VAL A 55 -11.29 -5.28 11.60
N GLN A 56 -11.27 -6.51 11.10
CA GLN A 56 -10.14 -7.00 10.35
C GLN A 56 -10.56 -7.23 8.90
N PRO A 57 -10.59 -6.18 8.08
CA PRO A 57 -11.09 -6.32 6.71
C PRO A 57 -10.06 -6.97 5.79
N LYS A 58 -10.58 -7.54 4.71
CA LYS A 58 -9.75 -8.07 3.64
C LYS A 58 -9.55 -7.01 2.58
N CYS A 59 -8.35 -6.97 2.00
CA CYS A 59 -8.04 -6.00 0.95
C CYS A 59 -8.72 -6.40 -0.35
N LEU A 60 -9.38 -5.44 -0.99
CA LEU A 60 -10.05 -5.71 -2.26
C LEU A 60 -9.08 -6.14 -3.36
N LEU A 61 -7.80 -5.80 -3.24
CA LEU A 61 -6.87 -5.92 -4.34
C LEU A 61 -5.79 -6.97 -4.14
N CYS A 62 -5.63 -7.50 -2.93
CA CYS A 62 -4.62 -8.53 -2.67
C CYS A 62 -5.12 -9.43 -1.56
N PRO A 63 -4.59 -10.65 -1.45
CA PRO A 63 -5.03 -11.59 -0.42
C PRO A 63 -4.34 -11.43 0.93
N LYS A 64 -3.46 -10.43 1.10
CA LYS A 64 -2.75 -10.28 2.36
C LYS A 64 -3.66 -9.68 3.43
N LYS A 65 -3.58 -10.22 4.64
CA LYS A 65 -4.33 -9.72 5.77
C LYS A 65 -3.44 -8.83 6.64
N GLY A 66 -4.06 -7.83 7.27
CA GLY A 66 -3.32 -6.93 8.13
C GLY A 66 -2.48 -5.94 7.35
N GLY A 67 -1.98 -4.92 8.04
CA GLY A 67 -1.23 -3.85 7.42
C GLY A 67 -2.06 -2.58 7.27
N ALA A 68 -1.35 -1.49 6.98
CA ALA A 68 -1.99 -0.19 6.84
C ALA A 68 -3.07 -0.23 5.76
N MET A 69 -4.32 -0.06 6.17
CA MET A 69 -5.46 -0.09 5.25
C MET A 69 -6.30 1.16 5.42
N LYS A 70 -6.89 1.60 4.32
CA LYS A 70 -7.78 2.75 4.29
C LYS A 70 -9.09 2.39 3.60
N PRO A 71 -10.17 3.06 3.96
CA PRO A 71 -11.48 2.70 3.40
C PRO A 71 -11.83 3.53 2.17
N THR A 72 -12.72 2.96 1.35
CA THR A 72 -13.28 3.67 0.23
C THR A 72 -14.32 4.67 0.72
N ARG A 73 -14.95 5.39 -0.22
CA ARG A 73 -15.97 6.35 0.15
C ARG A 73 -17.04 5.72 1.02
N SER A 74 -17.40 4.46 0.73
CA SER A 74 -18.45 3.80 1.48
C SER A 74 -18.08 3.62 2.94
N GLY A 75 -16.80 3.43 3.24
CA GLY A 75 -16.38 3.02 4.56
C GLY A 75 -16.61 1.56 4.86
N THR A 76 -17.20 0.80 3.92
CA THR A 76 -17.45 -0.61 4.10
C THR A 76 -16.44 -1.49 3.37
N LYS A 77 -15.64 -0.91 2.49
CA LYS A 77 -14.57 -1.62 1.80
C LYS A 77 -13.23 -1.00 2.18
N TRP A 78 -12.18 -1.82 2.20
CA TRP A 78 -10.86 -1.38 2.63
C TRP A 78 -9.81 -1.87 1.65
N VAL A 79 -8.71 -1.11 1.57
CA VAL A 79 -7.64 -1.39 0.63
C VAL A 79 -6.31 -1.00 1.27
N HIS A 80 -5.29 -1.81 1.01
CA HIS A 80 -3.94 -1.49 1.48
C HIS A 80 -3.49 -0.16 0.89
N VAL A 81 -2.85 0.66 1.72
CA VAL A 81 -2.28 1.92 1.23
C VAL A 81 -1.25 1.63 0.14
N SER A 82 -0.41 0.63 0.36
CA SER A 82 0.61 0.29 -0.63
C SER A 82 -0.02 -0.16 -1.94
N CYS A 83 -1.05 -1.02 -1.86
CA CYS A 83 -1.73 -1.46 -3.07
C CYS A 83 -2.31 -0.28 -3.83
N ALA A 84 -2.99 0.62 -3.11
CA ALA A 84 -3.58 1.79 -3.77
C ALA A 84 -2.52 2.69 -4.38
N LEU A 85 -1.35 2.79 -3.75
CA LEU A 85 -0.29 3.64 -4.29
C LEU A 85 0.33 3.03 -5.54
N TRP A 86 0.58 1.72 -5.54
CA TRP A 86 1.34 1.08 -6.60
C TRP A 86 0.50 0.66 -7.78
N ILE A 87 -0.82 0.53 -7.62
CA ILE A 87 -1.71 0.14 -8.72
C ILE A 87 -2.10 1.41 -9.47
N PRO A 88 -1.75 1.53 -10.75
CA PRO A 88 -1.92 2.83 -11.43
C PRO A 88 -3.35 3.37 -11.41
N GLU A 89 -4.34 2.53 -11.70
CA GLU A 89 -5.71 3.03 -11.88
C GLU A 89 -6.33 3.52 -10.57
N VAL A 90 -5.80 3.11 -9.43
CA VAL A 90 -6.36 3.51 -8.15
C VAL A 90 -5.87 4.91 -7.79
N SER A 91 -6.72 5.67 -7.10
CA SER A 91 -6.39 7.03 -6.70
C SER A 91 -6.77 7.24 -5.24
N ILE A 92 -6.10 8.19 -4.60
CA ILE A 92 -6.34 8.53 -3.21
C ILE A 92 -7.17 9.81 -3.18
N GLY A 93 -8.35 9.75 -2.57
CA GLY A 93 -9.22 10.91 -2.48
C GLY A 93 -8.51 12.16 -2.00
N SER A 94 -7.90 12.08 -0.82
CA SER A 94 -7.14 13.20 -0.28
C SER A 94 -5.66 12.84 -0.26
N PRO A 95 -4.80 13.64 -0.88
CA PRO A 95 -3.37 13.29 -0.89
C PRO A 95 -2.66 13.53 0.43
N GLU A 96 -3.24 14.29 1.35
CA GLU A 96 -2.63 14.53 2.64
C GLU A 96 -3.33 13.82 3.80
N LYS A 97 -4.64 13.57 3.68
CA LYS A 97 -5.30 12.66 4.61
C LYS A 97 -5.17 11.21 4.20
N MET A 98 -4.77 10.96 2.95
CA MET A 98 -4.54 9.61 2.44
C MET A 98 -5.81 8.77 2.52
N GLU A 99 -6.90 9.32 2.00
CA GLU A 99 -8.19 8.66 2.00
C GLU A 99 -9.24 9.57 1.39
N PRO A 100 -10.31 9.02 0.80
CA PRO A 100 -10.56 7.59 0.69
C PRO A 100 -9.88 6.96 -0.52
N ILE A 101 -9.93 5.63 -0.62
CA ILE A 101 -9.39 4.89 -1.75
C ILE A 101 -10.49 4.82 -2.82
N THR A 102 -10.26 5.47 -3.95
CA THR A 102 -11.27 5.61 -4.99
C THR A 102 -10.77 5.06 -6.32
N LYS A 103 -11.60 5.20 -7.33
CA LYS A 103 -11.33 4.75 -8.70
C LYS A 103 -10.92 3.28 -8.77
N VAL A 104 -11.28 2.48 -7.77
CA VAL A 104 -11.03 1.05 -7.83
C VAL A 104 -11.75 0.43 -9.02
N SER A 105 -12.91 0.97 -9.37
CA SER A 105 -13.66 0.49 -10.53
C SER A 105 -12.94 0.74 -11.84
N HIS A 106 -11.91 1.59 -11.85
CA HIS A 106 -11.18 1.89 -13.07
C HIS A 106 -10.09 0.88 -13.39
N ILE A 107 -9.87 -0.10 -12.53
CA ILE A 107 -8.87 -1.14 -12.82
C ILE A 107 -9.34 -1.96 -14.02
N PRO A 108 -8.51 -2.13 -15.05
CA PRO A 108 -8.95 -2.89 -16.22
C PRO A 108 -9.15 -4.36 -15.90
N SER A 109 -9.98 -5.00 -16.71
CA SER A 109 -10.19 -6.44 -16.58
C SER A 109 -8.88 -7.19 -16.76
N SER A 110 -7.99 -6.68 -17.61
CA SER A 110 -6.71 -7.35 -17.83
C SER A 110 -5.87 -7.40 -16.56
N ARG A 111 -5.98 -6.39 -15.70
CA ARG A 111 -5.25 -6.43 -14.43
C ARG A 111 -5.91 -7.40 -13.45
N TRP A 112 -7.25 -7.39 -13.38
CA TRP A 112 -7.95 -8.40 -12.59
C TRP A 112 -7.61 -9.81 -13.05
N ALA A 113 -7.20 -9.97 -14.30
CA ALA A 113 -6.92 -11.28 -14.86
C ALA A 113 -5.50 -11.75 -14.58
N LEU A 114 -4.57 -10.85 -14.29
CA LEU A 114 -3.20 -11.26 -14.01
C LEU A 114 -3.16 -12.15 -12.77
N VAL A 115 -2.35 -13.20 -12.85
CA VAL A 115 -2.15 -14.12 -11.74
C VAL A 115 -0.82 -13.80 -11.08
N CYS A 116 -0.86 -13.50 -9.79
CA CYS A 116 0.36 -13.18 -9.05
C CYS A 116 1.34 -14.35 -9.10
N SER A 117 2.50 -14.12 -9.68
CA SER A 117 3.51 -15.17 -9.81
C SER A 117 4.11 -15.59 -8.48
N LEU A 118 3.87 -14.84 -7.40
CA LEU A 118 4.44 -15.16 -6.10
C LEU A 118 3.56 -16.09 -5.28
N CYS A 119 2.24 -15.82 -5.23
CA CYS A 119 1.32 -16.65 -4.47
C CYS A 119 0.39 -17.49 -5.33
N ASN A 120 0.22 -17.15 -6.61
CA ASN A 120 -0.62 -17.91 -7.53
C ASN A 120 -2.08 -17.94 -7.07
N GLU A 121 -2.53 -16.88 -6.39
CA GLU A 121 -3.91 -16.74 -5.97
C GLU A 121 -4.61 -15.79 -6.93
N LYS A 122 -5.51 -16.32 -7.76
CA LYS A 122 -6.25 -15.53 -8.73
C LYS A 122 -7.26 -14.64 -7.99
N PHE A 123 -6.75 -13.69 -7.21
CA PHE A 123 -7.58 -12.81 -6.40
C PHE A 123 -6.92 -11.44 -6.33
N GLY A 124 -7.74 -10.39 -6.35
CA GLY A 124 -7.22 -9.04 -6.29
C GLY A 124 -6.60 -8.60 -7.60
N ALA A 125 -5.76 -7.57 -7.51
CA ALA A 125 -5.11 -6.97 -8.66
C ALA A 125 -3.59 -7.03 -8.49
N SER A 126 -2.89 -7.30 -9.58
CA SER A 126 -1.44 -7.39 -9.58
C SER A 126 -0.83 -6.34 -10.49
N ILE A 127 0.36 -5.87 -10.11
CA ILE A 127 1.15 -5.01 -10.98
C ILE A 127 2.21 -5.89 -11.65
N GLN A 128 2.99 -5.30 -12.56
CA GLN A 128 3.97 -6.06 -13.32
C GLN A 128 5.35 -5.42 -13.18
N CYS A 129 6.36 -6.15 -13.64
CA CYS A 129 7.73 -5.67 -13.55
C CYS A 129 7.92 -4.38 -14.34
N SER A 130 8.68 -3.46 -13.77
CA SER A 130 8.89 -2.18 -14.42
C SER A 130 9.75 -2.29 -15.67
N VAL A 131 10.56 -3.35 -15.80
CA VAL A 131 11.27 -3.57 -17.05
C VAL A 131 10.25 -3.70 -18.18
N LYS A 132 10.55 -3.06 -19.31
CA LYS A 132 9.52 -2.80 -20.31
C LYS A 132 9.02 -4.08 -20.97
N ASN A 133 9.83 -5.13 -21.06
CA ASN A 133 9.40 -6.37 -21.70
C ASN A 133 9.09 -7.49 -20.71
N CYS A 134 9.22 -7.24 -19.40
CA CYS A 134 8.97 -8.26 -18.40
C CYS A 134 7.49 -8.27 -18.04
N ARG A 135 6.78 -9.33 -18.41
CA ARG A 135 5.36 -9.46 -18.14
C ARG A 135 5.07 -10.09 -16.79
N THR A 136 6.09 -10.41 -16.00
CA THR A 136 5.88 -11.03 -14.70
C THR A 136 5.03 -10.13 -13.80
N ALA A 137 3.92 -10.68 -13.32
CA ALA A 137 2.98 -9.94 -12.48
C ALA A 137 3.04 -10.44 -11.04
N PHE A 138 2.60 -9.60 -10.12
CA PHE A 138 2.63 -9.93 -8.70
C PHE A 138 1.83 -8.89 -7.93
N HIS A 139 1.34 -9.30 -6.76
CA HIS A 139 0.67 -8.38 -5.87
C HIS A 139 1.69 -7.40 -5.28
N VAL A 140 1.21 -6.19 -4.94
CA VAL A 140 2.06 -5.22 -4.26
C VAL A 140 2.50 -5.77 -2.91
N THR A 141 1.55 -6.25 -2.12
CA THR A 141 1.87 -6.81 -0.81
C THR A 141 2.74 -8.06 -0.95
N CYS A 142 2.47 -8.89 -1.96
CA CYS A 142 3.33 -10.03 -2.21
C CYS A 142 4.72 -9.59 -2.64
N ALA A 143 4.81 -8.56 -3.47
CA ALA A 143 6.12 -8.05 -3.86
C ALA A 143 6.91 -7.58 -2.64
N PHE A 144 6.25 -6.92 -1.70
CA PHE A 144 6.93 -6.45 -0.50
C PHE A 144 7.34 -7.61 0.39
N ASP A 145 6.41 -8.51 0.69
CA ASP A 145 6.70 -9.60 1.61
C ASP A 145 7.78 -10.52 1.05
N ARG A 146 7.73 -10.82 -0.24
CA ARG A 146 8.73 -11.68 -0.86
C ARG A 146 10.10 -11.00 -0.93
N GLY A 147 10.14 -9.66 -0.90
CA GLY A 147 11.40 -8.96 -0.88
C GLY A 147 11.88 -8.46 -2.22
N LEU A 148 10.98 -8.13 -3.13
CA LEU A 148 11.37 -7.62 -4.43
C LEU A 148 11.77 -6.15 -4.31
N GLU A 149 12.47 -5.67 -5.33
CA GLU A 149 12.88 -4.27 -5.36
C GLU A 149 11.66 -3.39 -5.60
N MET A 150 11.35 -2.54 -4.62
CA MET A 150 10.21 -1.63 -4.67
C MET A 150 10.73 -0.25 -4.29
N LYS A 151 10.90 0.62 -5.29
CA LYS A 151 11.45 1.94 -5.06
C LYS A 151 10.51 3.02 -5.59
N THR A 152 10.63 4.21 -5.00
CA THR A 152 9.97 5.41 -5.50
C THR A 152 11.08 6.38 -5.86
N ILE A 153 11.38 6.51 -7.14
CA ILE A 153 12.49 7.32 -7.60
C ILE A 153 11.97 8.67 -8.07
N LEU A 154 12.86 9.65 -8.11
CA LEU A 154 12.52 11.00 -8.54
C LEU A 154 13.06 11.22 -9.95
N ALA A 155 12.14 11.33 -10.91
CA ALA A 155 12.50 11.58 -12.30
C ALA A 155 12.34 13.07 -12.62
N GLU A 156 12.46 13.42 -13.89
CA GLU A 156 12.38 14.81 -14.32
C GLU A 156 11.08 15.46 -13.84
N GLU A 159 9.06 14.74 -10.13
CA GLU A 159 8.13 13.70 -10.51
C GLU A 159 8.52 12.36 -9.90
N VAL A 160 7.62 11.79 -9.11
CA VAL A 160 7.87 10.53 -8.42
C VAL A 160 7.34 9.39 -9.29
N LYS A 161 8.17 8.38 -9.50
CA LYS A 161 7.80 7.21 -10.28
C LYS A 161 8.00 5.95 -9.43
N PHE A 162 7.00 5.07 -9.45
CA PHE A 162 7.02 3.84 -8.67
C PHE A 162 7.57 2.71 -9.52
N LYS A 163 8.72 2.16 -9.12
CA LYS A 163 9.35 1.05 -9.81
C LYS A 163 9.24 -0.21 -8.97
N SER A 164 8.71 -1.27 -9.55
CA SER A 164 8.63 -2.59 -8.93
C SER A 164 9.28 -3.59 -9.86
N TYR A 165 10.26 -4.34 -9.35
CA TYR A 165 11.04 -5.26 -10.18
C TYR A 165 10.85 -6.68 -9.69
N CYS A 166 10.62 -7.60 -10.63
CA CYS A 166 10.49 -9.01 -10.32
C CYS A 166 11.80 -9.52 -9.70
N PRO A 167 11.81 -10.73 -9.15
CA PRO A 167 13.06 -11.25 -8.56
C PRO A 167 14.24 -11.21 -9.51
N LYS A 168 14.02 -11.49 -10.80
CA LYS A 168 15.13 -11.55 -11.75
C LYS A 168 15.76 -10.18 -11.95
N HIS A 169 14.96 -9.12 -11.96
CA HIS A 169 15.44 -7.78 -12.26
C HIS A 169 15.67 -6.93 -11.00
N SER A 170 15.60 -7.53 -9.82
CA SER A 170 15.85 -6.80 -8.58
C SER A 170 17.31 -6.88 -8.18
ZN ZN B . 6.31 5.39 5.18
ZN ZN C . -3.76 -5.08 -0.64
ZN ZN D . 0.35 -12.65 -4.55
ZN ZN E . 11.28 -8.45 -14.51
ZN ZN F . -3.76 -0.86 14.78
C1 GOL G . -15.01 2.85 -6.89
O1 GOL G . -14.03 2.52 -5.89
C2 GOL G . -14.77 4.26 -7.33
O2 GOL G . -15.15 4.50 -8.64
C3 GOL G . -15.66 5.13 -6.42
O3 GOL G . -15.02 6.34 -6.36
H11 GOL G . -14.93 2.27 -7.67
H12 GOL G . -15.91 2.76 -6.57
HO1 GOL G . -14.45 2.14 -5.26
H2 GOL G . -13.83 4.45 -7.24
HO2 GOL G . -15.94 4.23 -8.75
H31 GOL G . -16.56 5.17 -6.80
H32 GOL G . -15.76 4.69 -5.56
HO3 GOL G . -15.40 6.79 -5.74
C1 GOL H . 1.95 -2.28 -13.87
O1 GOL H . 2.94 -1.32 -13.61
C2 GOL H . 1.72 -2.30 -15.37
O2 GOL H . 0.85 -3.29 -15.75
C3 GOL H . 1.16 -0.90 -15.69
O3 GOL H . 0.59 -0.98 -16.96
H11 GOL H . 2.20 -3.17 -13.57
H12 GOL H . 1.11 -2.09 -13.41
HO1 GOL H . 2.76 -0.99 -12.85
H2 GOL H . 2.57 -2.46 -15.84
HO2 GOL H . 0.17 -3.24 -15.25
H31 GOL H . 0.52 -0.66 -15.00
H32 GOL H . 1.87 -0.25 -15.62
HO3 GOL H . -0.10 -1.48 -16.90
#